data_9JZZ
#
_entry.id   9JZZ
#
_cell.length_a   55.966
_cell.length_b   55.966
_cell.length_c   198.814
_cell.angle_alpha   90.000
_cell.angle_beta   90.000
_cell.angle_gamma   90.000
#
_symmetry.space_group_name_H-M   'P 43 21 2'
#
loop_
_entity.id
_entity.type
_entity.pdbx_description
1 polymer 'Phosphoribosylformylglycinamidine cyclo-ligase'
2 non-polymer 'ADENOSINE MONOPHOSPHATE'
3 non-polymer 'ZINC ION'
4 non-polymer 'CHLORIDE ION'
5 water water
#
_entity_poly.entity_id   1
_entity_poly.type   'polypeptide(L)'
_entity_poly.pdbx_seq_one_letter_code
;MLTYAQAGVDEEKTAKALRAIIDAARRTFKFRMNKIGEPGDIGHYSALLDFKDFYLAITTDGVGTKILVAEAVNKFDTIG
IDMIAMNVNDLICVGAEPVALVDYLAVKEPNEDVFQQIAKGLYEGAKEAGIAIVGGETAVMPDLINGYDLAGTAVGIVEK
DKVVTGEKIKPDDIVIGISSSGIHSNGLTLARKLLIPKYGLDYEYNGKKLWEWLLEPTRIYVKPILKLINEVEVHGLAHI
TGGGLLNLKRLTKYGFELEMPPIDGIFKLIYENGVPLEEMFRVFNMGVGFMVIVPQEEKENALQILNKYYESFELGKVIK
EPEKIKVKNYGITL
;
_entity_poly.pdbx_strand_id   A
#
loop_
_chem_comp.id
_chem_comp.type
_chem_comp.name
_chem_comp.formula
AMP non-polymer 'ADENOSINE MONOPHOSPHATE' 'C10 H14 N5 O7 P'
CL non-polymer 'CHLORIDE ION' 'Cl -1'
ZN non-polymer 'ZINC ION' 'Zn 2'
#
# COMPACT_ATOMS: atom_id res chain seq x y z
N THR A 14 10.71 -16.66 9.51
CA THR A 14 10.75 -15.83 8.32
C THR A 14 11.67 -14.62 8.51
N ALA A 15 11.56 -13.99 9.68
CA ALA A 15 12.38 -12.82 9.95
C ALA A 15 13.85 -13.17 10.07
N LYS A 16 14.18 -14.25 10.77
CA LYS A 16 15.57 -14.65 10.94
C LYS A 16 16.23 -14.94 9.61
N ALA A 17 15.56 -15.71 8.75
CA ALA A 17 16.14 -16.06 7.45
C ALA A 17 16.27 -14.83 6.54
N LEU A 18 15.28 -13.93 6.59
CA LEU A 18 15.28 -12.80 5.68
C LEU A 18 16.43 -11.83 5.97
N ARG A 19 16.87 -11.76 7.22
CA ARG A 19 17.93 -10.83 7.58
C ARG A 19 19.25 -11.16 6.90
N ALA A 20 19.46 -12.41 6.48
CA ALA A 20 20.66 -12.74 5.73
C ALA A 20 20.66 -12.05 4.38
N ILE A 21 19.49 -11.98 3.72
CA ILE A 21 19.40 -11.28 2.44
C ILE A 21 19.58 -9.78 2.65
N ILE A 22 18.88 -9.22 3.63
CA ILE A 22 18.96 -7.78 3.88
C ILE A 22 20.38 -7.37 4.21
N ASP A 23 21.05 -8.14 5.07
CA ASP A 23 22.40 -7.77 5.49
C ASP A 23 23.39 -7.82 4.33
N ALA A 24 23.23 -8.80 3.44
CA ALA A 24 24.08 -8.85 2.26
C ALA A 24 23.82 -7.66 1.34
N ALA A 25 22.55 -7.28 1.18
CA ALA A 25 22.20 -6.18 0.30
C ALA A 25 22.82 -4.87 0.78
N ARG A 26 22.71 -4.58 2.07
CA ARG A 26 23.29 -3.35 2.61
C ARG A 26 24.80 -3.32 2.43
N ARG A 27 25.46 -4.48 2.41
CA ARG A 27 26.89 -4.51 2.19
C ARG A 27 27.26 -4.14 0.75
N THR A 28 26.31 -4.21 -0.17
CA THR A 28 26.58 -3.84 -1.55
C THR A 28 26.48 -2.34 -1.80
N PHE A 29 26.00 -1.58 -0.82
CA PHE A 29 25.82 -0.14 -1.02
C PHE A 29 27.15 0.56 -1.33
N LYS A 30 28.25 0.06 -0.78
CA LYS A 30 29.55 0.67 -0.99
C LYS A 30 29.99 0.60 -2.46
N PHE A 31 29.38 -0.29 -3.25
CA PHE A 31 29.76 -0.44 -4.65
C PHE A 31 29.32 0.75 -5.51
N ARG A 32 28.45 1.61 -4.99
CA ARG A 32 28.04 2.83 -5.69
C ARG A 32 28.53 4.09 -5.00
N MET A 33 29.40 3.98 -4.00
CA MET A 33 29.88 5.16 -3.28
C MET A 33 30.63 6.09 -4.24
N ASN A 34 30.23 7.36 -4.23
CA ASN A 34 30.74 8.37 -5.17
C ASN A 34 30.51 7.94 -6.62
N LYS A 35 29.42 7.22 -6.88
CA LYS A 35 29.04 6.83 -8.22
C LYS A 35 27.59 7.22 -8.47
N ILE A 36 27.25 7.36 -9.75
CA ILE A 36 25.90 7.72 -10.12
C ILE A 36 24.93 6.63 -9.66
N GLY A 37 23.76 7.05 -9.20
CA GLY A 37 22.75 6.12 -8.72
C GLY A 37 23.00 5.52 -7.36
N GLU A 38 23.79 6.18 -6.51
CA GLU A 38 24.03 5.64 -5.18
C GLU A 38 22.74 5.66 -4.36
N PRO A 39 22.43 4.58 -3.63
CA PRO A 39 21.26 4.60 -2.77
C PRO A 39 21.47 5.50 -1.56
N GLY A 40 20.38 6.10 -1.10
CA GLY A 40 20.43 6.97 0.06
C GLY A 40 19.48 6.56 1.17
N TYR A 45 9.55 2.74 2.62
CA TYR A 45 8.62 2.54 1.50
C TYR A 45 9.36 2.19 0.22
N SER A 46 10.36 2.99 -0.12
CA SER A 46 11.11 2.80 -1.35
C SER A 46 12.54 3.27 -1.15
N ALA A 47 13.43 2.75 -2.00
CA ALA A 47 14.82 3.19 -2.03
C ALA A 47 14.96 4.38 -2.97
N LEU A 48 15.79 5.33 -2.59
CA LEU A 48 16.04 6.53 -3.38
C LEU A 48 17.46 6.47 -3.91
N LEU A 49 17.60 6.49 -5.24
CA LEU A 49 18.90 6.46 -5.89
C LEU A 49 19.26 7.87 -6.35
N ASP A 50 20.50 8.27 -6.08
CA ASP A 50 20.98 9.63 -6.35
C ASP A 50 21.43 9.72 -7.80
N PHE A 51 20.60 10.36 -8.63
CA PHE A 51 20.96 10.63 -10.02
C PHE A 51 21.32 12.10 -10.23
N LYS A 52 21.77 12.78 -9.16
CA LYS A 52 22.36 14.11 -9.20
C LYS A 52 21.37 15.21 -9.55
N ASP A 53 20.53 14.98 -10.56
CA ASP A 53 19.50 15.95 -10.91
C ASP A 53 18.16 15.64 -10.26
N PHE A 54 18.01 14.45 -9.69
CA PHE A 54 16.78 14.00 -9.07
C PHE A 54 17.06 12.67 -8.38
N TYR A 55 16.13 12.27 -7.52
CA TYR A 55 16.15 10.93 -6.95
C TYR A 55 15.29 10.00 -7.79
N LEU A 56 15.82 8.83 -8.11
CA LEU A 56 15.02 7.76 -8.67
C LEU A 56 14.54 6.87 -7.52
N ALA A 57 13.23 6.80 -7.34
CA ALA A 57 12.62 5.94 -6.33
C ALA A 57 12.25 4.61 -6.97
N ILE A 58 12.53 3.52 -6.27
CA ILE A 58 12.29 2.17 -6.79
C ILE A 58 11.72 1.31 -5.67
N THR A 59 10.71 0.51 -6.00
CA THR A 59 10.05 -0.33 -5.02
C THR A 59 9.62 -1.62 -5.68
N THR A 60 9.42 -2.65 -4.86
CA THR A 60 9.05 -3.98 -5.34
C THR A 60 7.99 -4.56 -4.41
N ASP A 61 7.02 -5.26 -5.00
CA ASP A 61 5.96 -5.86 -4.22
C ASP A 61 5.21 -6.88 -5.05
N GLY A 62 4.68 -7.90 -4.38
CA GLY A 62 3.85 -8.92 -5.02
C GLY A 62 2.46 -8.95 -4.43
N VAL A 63 1.51 -9.58 -5.13
CA VAL A 63 0.13 -9.60 -4.66
C VAL A 63 -0.04 -10.52 -3.47
N GLY A 64 0.82 -11.53 -3.34
CA GLY A 64 0.70 -12.46 -2.24
C GLY A 64 -0.38 -13.51 -2.48
N THR A 65 -1.06 -13.90 -1.40
CA THR A 65 -2.06 -14.96 -1.46
C THR A 65 -3.43 -14.48 -1.96
N LYS A 66 -3.58 -13.20 -2.31
CA LYS A 66 -4.84 -12.77 -2.91
C LYS A 66 -5.06 -13.44 -4.26
N ILE A 67 -4.00 -13.87 -4.94
CA ILE A 67 -4.15 -14.57 -6.20
C ILE A 67 -4.72 -15.98 -5.99
N LEU A 68 -4.69 -16.49 -4.76
CA LEU A 68 -5.32 -17.78 -4.48
C LEU A 68 -6.83 -17.69 -4.59
N VAL A 69 -7.41 -16.59 -4.08
CA VAL A 69 -8.85 -16.37 -4.24
C VAL A 69 -9.19 -16.15 -5.71
N ALA A 70 -8.35 -15.40 -6.42
CA ALA A 70 -8.55 -15.20 -7.85
C ALA A 70 -8.62 -16.54 -8.59
N GLU A 71 -7.77 -17.49 -8.20
CA GLU A 71 -7.76 -18.79 -8.85
C GLU A 71 -8.99 -19.61 -8.49
N ALA A 72 -9.53 -19.43 -7.28
CA ALA A 72 -10.66 -20.25 -6.86
C ALA A 72 -11.93 -19.89 -7.62
N VAL A 73 -12.12 -18.61 -7.93
CA VAL A 73 -13.31 -18.16 -8.63
C VAL A 73 -13.03 -17.84 -10.10
N ASN A 74 -11.81 -18.10 -10.57
CA ASN A 74 -11.42 -17.85 -11.96
C ASN A 74 -11.67 -16.39 -12.35
N LYS A 75 -11.29 -15.48 -11.47
CA LYS A 75 -11.40 -14.04 -11.72
C LYS A 75 -10.03 -13.41 -11.51
N PHE A 76 -9.35 -13.07 -12.61
CA PHE A 76 -8.02 -12.48 -12.55
C PHE A 76 -7.97 -11.05 -13.08
N ASP A 77 -9.11 -10.44 -13.41
CA ASP A 77 -9.07 -9.15 -14.09
C ASP A 77 -8.83 -7.97 -13.16
N THR A 78 -8.58 -8.20 -11.87
CA THR A 78 -8.24 -7.12 -10.94
C THR A 78 -6.95 -7.35 -10.18
N ILE A 79 -6.37 -8.55 -10.23
CA ILE A 79 -5.14 -8.82 -9.46
C ILE A 79 -3.99 -7.96 -9.97
N GLY A 80 -4.03 -7.55 -11.24
CA GLY A 80 -3.01 -6.65 -11.75
C GLY A 80 -3.12 -5.26 -11.16
N ILE A 81 -4.34 -4.84 -10.82
CA ILE A 81 -4.51 -3.56 -10.14
C ILE A 81 -3.87 -3.62 -8.75
N ASP A 82 -4.04 -4.74 -8.04
CA ASP A 82 -3.41 -4.91 -6.73
C ASP A 82 -1.90 -4.76 -6.82
N MET A 83 -1.28 -5.43 -7.80
CA MET A 83 0.17 -5.42 -7.94
C MET A 83 0.69 -4.03 -8.24
N ILE A 84 0.04 -3.32 -9.17
CA ILE A 84 0.44 -1.96 -9.49
C ILE A 84 0.22 -1.05 -8.29
N ALA A 85 -0.92 -1.20 -7.61
CA ALA A 85 -1.24 -0.33 -6.49
C ALA A 85 -0.22 -0.44 -5.37
N MET A 86 0.13 -1.67 -4.97
CA MET A 86 1.10 -1.86 -3.91
C MET A 86 2.44 -1.21 -4.23
N ASN A 87 2.79 -1.14 -5.53
CA ASN A 87 4.05 -0.52 -5.93
C ASN A 87 3.93 1.00 -5.98
N VAL A 88 2.94 1.51 -6.71
CA VAL A 88 2.88 2.96 -6.95
C VAL A 88 2.44 3.72 -5.70
N ASN A 89 1.64 3.09 -4.82
CA ASN A 89 1.27 3.76 -3.59
C ASN A 89 2.46 3.91 -2.64
N ASP A 90 3.45 3.01 -2.74
CA ASP A 90 4.67 3.19 -1.97
C ASP A 90 5.56 4.28 -2.58
N LEU A 91 5.60 4.38 -3.90
CA LEU A 91 6.43 5.40 -4.55
C LEU A 91 5.99 6.80 -4.15
N ILE A 92 4.68 7.08 -4.22
CA ILE A 92 4.18 8.42 -3.93
C ILE A 92 4.36 8.83 -2.48
N CYS A 93 4.72 7.90 -1.61
CA CYS A 93 4.88 8.23 -0.19
C CYS A 93 6.09 9.13 0.04
N VAL A 94 7.13 9.00 -0.77
CA VAL A 94 8.27 9.91 -0.71
C VAL A 94 8.09 11.11 -1.62
N GLY A 95 6.91 11.27 -2.22
CA GLY A 95 6.67 12.38 -3.11
C GLY A 95 7.06 12.13 -4.55
N ALA A 96 7.35 10.89 -4.91
CA ALA A 96 7.81 10.56 -6.26
C ALA A 96 6.65 10.37 -7.21
N GLU A 97 6.82 10.85 -8.43
CA GLU A 97 5.84 10.60 -9.48
C GLU A 97 6.12 9.25 -10.12
N PRO A 98 5.20 8.29 -10.01
CA PRO A 98 5.43 6.99 -10.67
C PRO A 98 5.57 7.15 -12.17
N VAL A 99 6.52 6.41 -12.75
CA VAL A 99 6.90 6.55 -14.16
C VAL A 99 6.69 5.25 -14.92
N ALA A 100 7.18 4.13 -14.39
CA ALA A 100 7.14 2.89 -15.13
C ALA A 100 7.13 1.71 -14.17
N LEU A 101 6.70 0.56 -14.68
CA LEU A 101 6.65 -0.68 -13.92
C LEU A 101 7.03 -1.84 -14.84
N VAL A 102 7.70 -2.82 -14.25
CA VAL A 102 7.94 -4.11 -14.88
C VAL A 102 7.40 -5.18 -13.94
N ASP A 103 6.86 -6.26 -14.52
CA ASP A 103 6.20 -7.29 -13.75
C ASP A 103 6.91 -8.62 -13.87
N TYR A 104 6.77 -9.45 -12.85
CA TYR A 104 7.25 -10.83 -12.87
C TYR A 104 6.07 -11.76 -12.73
N LEU A 105 5.82 -12.58 -13.74
CA LEU A 105 4.72 -13.52 -13.76
C LEU A 105 5.28 -14.94 -13.85
N ALA A 106 5.10 -15.70 -12.78
CA ALA A 106 5.47 -17.12 -12.74
C ALA A 106 4.21 -17.96 -12.68
N VAL A 107 4.10 -18.93 -13.59
CA VAL A 107 2.86 -19.69 -13.76
C VAL A 107 3.18 -21.17 -13.88
N LYS A 108 2.22 -22.00 -13.47
CA LYS A 108 2.32 -23.43 -13.71
C LYS A 108 2.08 -23.74 -15.19
N GLU A 109 1.01 -23.18 -15.76
CA GLU A 109 0.69 -23.38 -17.16
C GLU A 109 0.28 -22.06 -17.79
N PRO A 110 0.64 -21.82 -19.04
CA PRO A 110 0.27 -20.56 -19.72
C PRO A 110 -1.15 -20.58 -20.26
N ASN A 111 -2.11 -20.39 -19.34
CA ASN A 111 -3.53 -20.40 -19.72
C ASN A 111 -3.87 -19.11 -20.45
N GLU A 112 -4.37 -19.25 -21.67
CA GLU A 112 -4.63 -18.09 -22.52
C GLU A 112 -5.69 -17.17 -21.91
N ASP A 113 -6.76 -17.73 -21.36
CA ASP A 113 -7.82 -16.91 -20.79
C ASP A 113 -7.35 -16.19 -19.53
N VAL A 114 -6.54 -16.86 -18.70
CA VAL A 114 -6.06 -16.24 -17.47
C VAL A 114 -5.14 -15.06 -17.79
N PHE A 115 -4.23 -15.25 -18.75
CA PHE A 115 -3.33 -14.17 -19.15
C PHE A 115 -4.10 -12.98 -19.69
N GLN A 116 -5.15 -13.25 -20.48
CA GLN A 116 -5.99 -12.16 -20.97
C GLN A 116 -6.67 -11.42 -19.84
N GLN A 117 -7.11 -12.14 -18.81
CA GLN A 117 -7.71 -11.49 -17.64
C GLN A 117 -6.69 -10.63 -16.92
N ILE A 118 -5.51 -11.20 -16.65
CA ILE A 118 -4.46 -10.46 -15.95
C ILE A 118 -4.11 -9.18 -16.71
N ALA A 119 -4.08 -9.26 -18.04
CA ALA A 119 -3.70 -8.10 -18.84
C ALA A 119 -4.71 -6.97 -18.68
N LYS A 120 -6.00 -7.31 -18.52
CA LYS A 120 -7.03 -6.27 -18.37
C LYS A 120 -6.78 -5.43 -17.12
N GLY A 121 -6.51 -6.08 -15.98
CA GLY A 121 -6.23 -5.32 -14.78
C GLY A 121 -4.92 -4.58 -14.82
N LEU A 122 -3.93 -5.12 -15.53
CA LEU A 122 -2.66 -4.43 -15.68
C LEU A 122 -2.84 -3.12 -16.44
N TYR A 123 -3.62 -3.14 -17.53
CA TYR A 123 -3.88 -1.92 -18.28
C TYR A 123 -4.62 -0.90 -17.42
N GLU A 124 -5.70 -1.33 -16.76
CA GLU A 124 -6.50 -0.40 -15.95
C GLU A 124 -5.68 0.18 -14.80
N GLY A 125 -4.82 -0.63 -14.20
CA GLY A 125 -3.99 -0.13 -13.11
C GLY A 125 -2.95 0.87 -13.58
N ALA A 126 -2.30 0.59 -14.71
CA ALA A 126 -1.34 1.53 -15.26
C ALA A 126 -2.02 2.83 -15.66
N LYS A 127 -3.27 2.75 -16.11
CA LYS A 127 -4.01 3.94 -16.50
C LYS A 127 -4.25 4.86 -15.30
N GLU A 128 -4.77 4.29 -14.21
CA GLU A 128 -5.03 5.08 -13.01
C GLU A 128 -3.74 5.62 -12.40
N ALA A 129 -2.68 4.82 -12.43
CA ALA A 129 -1.40 5.23 -11.89
C ALA A 129 -0.62 6.15 -12.84
N GLY A 130 -1.04 6.23 -14.10
CA GLY A 130 -0.35 7.10 -15.06
C GLY A 130 1.03 6.61 -15.41
N ILE A 131 1.23 5.30 -15.52
CA ILE A 131 2.54 4.72 -15.76
C ILE A 131 2.49 3.87 -17.02
N ALA A 132 3.68 3.63 -17.57
CA ALA A 132 3.84 2.67 -18.64
C ALA A 132 4.38 1.36 -18.07
N ILE A 133 3.84 0.25 -18.57
CA ILE A 133 4.41 -1.07 -18.27
C ILE A 133 5.40 -1.37 -19.39
N VAL A 134 6.70 -1.32 -19.05
CA VAL A 134 7.76 -1.25 -20.04
C VAL A 134 8.50 -2.56 -20.21
N GLY A 135 8.11 -3.62 -19.51
CA GLY A 135 8.78 -4.88 -19.66
C GLY A 135 8.41 -5.83 -18.54
N GLY A 136 9.18 -6.91 -18.46
CA GLY A 136 8.96 -7.94 -17.46
C GLY A 136 9.42 -9.29 -17.98
N GLU A 137 9.12 -10.32 -17.20
CA GLU A 137 9.48 -11.69 -17.55
C GLU A 137 8.35 -12.62 -17.16
N THR A 138 8.11 -13.63 -17.99
CA THR A 138 7.13 -14.67 -17.72
C THR A 138 7.84 -16.01 -17.66
N ALA A 139 7.64 -16.75 -16.57
CA ALA A 139 8.33 -18.00 -16.33
C ALA A 139 7.31 -19.13 -16.21
N VAL A 140 7.21 -19.96 -17.23
CA VAL A 140 6.39 -21.17 -17.18
C VAL A 140 7.24 -22.24 -16.51
N MET A 141 6.93 -22.55 -15.25
CA MET A 141 7.72 -23.49 -14.45
C MET A 141 6.76 -24.38 -13.68
N PRO A 142 6.16 -25.37 -14.34
CA PRO A 142 5.15 -26.21 -13.65
C PRO A 142 5.71 -27.03 -12.51
N ASP A 143 7.01 -27.33 -12.50
CA ASP A 143 7.62 -28.00 -11.36
C ASP A 143 7.99 -27.04 -10.24
N LEU A 144 7.91 -25.74 -10.48
CA LEU A 144 8.25 -24.72 -9.50
C LEU A 144 7.03 -23.95 -9.01
N ILE A 145 6.06 -23.69 -9.87
CA ILE A 145 4.84 -22.98 -9.51
C ILE A 145 3.68 -23.95 -9.59
N ASN A 146 2.83 -23.97 -8.57
CA ASN A 146 1.63 -24.79 -8.57
C ASN A 146 0.37 -23.97 -8.88
N GLY A 147 0.53 -22.70 -9.22
CA GLY A 147 -0.58 -21.86 -9.58
C GLY A 147 -0.14 -20.65 -10.39
N TYR A 148 -0.37 -19.46 -9.86
CA TYR A 148 0.02 -18.22 -10.51
C TYR A 148 0.67 -17.30 -9.50
N ASP A 149 1.71 -16.59 -9.93
CA ASP A 149 2.45 -15.68 -9.06
C ASP A 149 2.74 -14.41 -9.84
N LEU A 150 2.31 -13.26 -9.30
CA LEU A 150 2.46 -11.99 -9.97
C LEU A 150 3.13 -11.00 -9.02
N ALA A 151 4.22 -10.40 -9.48
CA ALA A 151 4.92 -9.37 -8.73
C ALA A 151 5.42 -8.33 -9.72
N GLY A 152 5.95 -7.23 -9.18
CA GLY A 152 6.39 -6.15 -10.05
C GLY A 152 7.28 -5.16 -9.32
N THR A 153 8.06 -4.43 -10.11
CA THR A 153 8.90 -3.35 -9.63
C THR A 153 8.51 -2.06 -10.35
N ALA A 154 8.41 -0.97 -9.60
CA ALA A 154 8.06 0.33 -10.16
C ALA A 154 9.15 1.34 -9.85
N VAL A 155 9.31 2.31 -10.75
CA VAL A 155 10.27 3.39 -10.57
C VAL A 155 9.54 4.72 -10.70
N GLY A 156 9.96 5.69 -9.87
CA GLY A 156 9.43 7.03 -9.94
C GLY A 156 10.55 8.04 -9.82
N ILE A 157 10.17 9.32 -9.98
CA ILE A 157 11.12 10.42 -9.95
C ILE A 157 10.63 11.46 -8.96
N VAL A 158 11.58 12.05 -8.22
CA VAL A 158 11.28 13.13 -7.28
C VAL A 158 12.50 14.03 -7.18
N GLU A 159 12.27 15.34 -7.25
CA GLU A 159 13.36 16.29 -7.13
C GLU A 159 13.98 16.20 -5.74
N LYS A 160 15.26 16.57 -5.64
CA LYS A 160 15.99 16.41 -4.39
C LYS A 160 15.37 17.24 -3.28
N ASP A 161 14.99 18.49 -3.57
CA ASP A 161 14.41 19.37 -2.57
C ASP A 161 12.90 19.21 -2.43
N LYS A 162 12.35 18.08 -2.91
CA LYS A 162 10.91 17.85 -2.85
C LYS A 162 10.55 16.52 -2.21
N VAL A 163 11.54 15.79 -1.66
CA VAL A 163 11.26 14.50 -1.05
C VAL A 163 10.44 14.69 0.22
N VAL A 164 9.46 13.82 0.41
CA VAL A 164 8.60 13.85 1.59
C VAL A 164 9.12 12.77 2.53
N THR A 165 9.89 13.19 3.53
CA THR A 165 10.55 12.26 4.45
C THR A 165 9.80 12.07 5.75
N GLY A 166 9.10 13.09 6.23
CA GLY A 166 8.51 13.08 7.55
C GLY A 166 9.20 13.98 8.54
N GLU A 167 10.34 14.56 8.17
CA GLU A 167 11.05 15.46 9.07
C GLU A 167 10.29 16.75 9.33
N LYS A 168 9.53 17.23 8.33
CA LYS A 168 8.75 18.46 8.52
C LYS A 168 7.53 18.25 9.41
N ILE A 169 7.20 17.01 9.76
CA ILE A 169 6.05 16.75 10.62
C ILE A 169 6.33 17.31 12.01
N LYS A 170 5.41 18.12 12.51
CA LYS A 170 5.53 18.78 13.80
C LYS A 170 4.19 18.68 14.52
N PRO A 171 4.21 18.75 15.86
CA PRO A 171 2.94 18.75 16.61
C PRO A 171 2.01 19.85 16.11
N ASP A 172 0.70 19.55 16.17
CA ASP A 172 -0.43 20.34 15.71
C ASP A 172 -0.67 20.15 14.20
N ASP A 173 0.22 19.50 13.47
CA ASP A 173 -0.10 19.09 12.10
C ASP A 173 -1.30 18.15 12.11
N ILE A 174 -2.15 18.27 11.09
CA ILE A 174 -3.40 17.54 11.03
C ILE A 174 -3.24 16.33 10.11
N VAL A 175 -3.82 15.21 10.52
CA VAL A 175 -3.77 13.97 9.75
C VAL A 175 -5.09 13.79 9.02
N ILE A 176 -5.00 13.55 7.71
CA ILE A 176 -6.17 13.34 6.86
C ILE A 176 -6.10 11.94 6.28
N GLY A 177 -7.24 11.24 6.29
CA GLY A 177 -7.33 9.89 5.76
C GLY A 177 -8.12 9.85 4.48
N ILE A 178 -7.73 8.97 3.58
CA ILE A 178 -8.47 8.68 2.35
C ILE A 178 -9.00 7.25 2.47
N SER A 179 -10.28 7.08 2.14
CA SER A 179 -10.93 5.79 2.33
C SER A 179 -10.27 4.72 1.48
N SER A 180 -10.28 3.49 1.99
CA SER A 180 -9.62 2.37 1.33
C SER A 180 -10.61 1.62 0.44
N SER A 181 -10.09 0.61 -0.26
CA SER A 181 -10.93 -0.28 -1.05
C SER A 181 -10.83 -1.71 -0.53
N GLY A 182 -9.85 -2.47 -1.03
CA GLY A 182 -9.71 -3.87 -0.69
C GLY A 182 -8.70 -4.12 0.41
N ILE A 183 -8.35 -5.40 0.58
CA ILE A 183 -7.49 -5.85 1.66
C ILE A 183 -6.10 -6.12 1.10
N HIS A 184 -5.08 -5.89 1.93
CA HIS A 184 -3.70 -6.13 1.53
C HIS A 184 -3.30 -7.58 1.84
N SER A 185 -2.14 -7.98 1.28
CA SER A 185 -1.74 -9.39 1.30
C SER A 185 -1.53 -9.90 2.72
N ASN A 186 -0.88 -9.10 3.57
CA ASN A 186 -0.58 -9.55 4.93
C ASN A 186 -1.86 -9.82 5.72
N GLY A 187 -2.78 -8.86 5.72
CA GLY A 187 -4.06 -9.08 6.38
C GLY A 187 -4.91 -10.12 5.68
N LEU A 188 -4.76 -10.25 4.37
CA LEU A 188 -5.53 -11.24 3.63
C LEU A 188 -5.16 -12.66 4.03
N THR A 189 -3.90 -12.88 4.36
CA THR A 189 -3.49 -14.20 4.86
C THR A 189 -4.24 -14.55 6.14
N LEU A 190 -4.38 -13.57 7.05
CA LEU A 190 -5.11 -13.82 8.29
C LEU A 190 -6.59 -14.03 8.03
N ALA A 191 -7.19 -13.23 7.14
CA ALA A 191 -8.61 -13.37 6.85
C ALA A 191 -8.92 -14.73 6.22
N ARG A 192 -8.02 -15.23 5.37
CA ARG A 192 -8.26 -16.49 4.69
C ARG A 192 -8.39 -17.65 5.68
N LYS A 193 -7.41 -17.77 6.59
CA LYS A 193 -7.45 -18.86 7.55
C LYS A 193 -8.59 -18.69 8.56
N LEU A 194 -8.96 -17.46 8.87
CA LEU A 194 -9.97 -17.21 9.89
C LEU A 194 -11.39 -17.41 9.36
N LEU A 195 -11.64 -17.03 8.11
CA LEU A 195 -13.01 -16.91 7.61
C LEU A 195 -13.41 -18.00 6.61
N ILE A 196 -12.49 -18.50 5.79
CA ILE A 196 -12.87 -19.43 4.72
C ILE A 196 -13.29 -20.79 5.28
N PRO A 197 -12.52 -21.44 6.17
CA PRO A 197 -12.99 -22.73 6.71
C PRO A 197 -14.32 -22.62 7.45
N LYS A 198 -14.59 -21.49 8.09
CA LYS A 198 -15.83 -21.36 8.86
C LYS A 198 -17.00 -20.96 7.98
N TYR A 199 -16.80 -20.04 7.04
CA TYR A 199 -17.89 -19.49 6.24
C TYR A 199 -17.91 -19.97 4.80
N GLY A 200 -16.77 -20.29 4.22
CA GLY A 200 -16.72 -20.66 2.81
C GLY A 200 -16.72 -19.46 1.90
N LEU A 201 -16.14 -19.60 0.71
CA LEU A 201 -15.98 -18.46 -0.18
C LEU A 201 -17.33 -17.88 -0.64
N ASP A 202 -18.37 -18.70 -0.67
CA ASP A 202 -19.66 -18.30 -1.20
C ASP A 202 -20.56 -17.69 -0.12
N TYR A 203 -20.06 -17.51 1.10
CA TYR A 203 -20.85 -16.90 2.16
C TYR A 203 -21.11 -15.43 1.84
N GLU A 204 -22.38 -15.03 1.92
CA GLU A 204 -22.77 -13.65 1.66
C GLU A 204 -22.76 -12.87 2.98
N TYR A 205 -21.97 -11.79 3.01
CA TYR A 205 -21.87 -10.94 4.19
C TYR A 205 -22.09 -9.49 3.78
N ASN A 206 -23.21 -8.92 4.24
CA ASN A 206 -23.56 -7.52 3.99
C ASN A 206 -23.50 -7.19 2.49
N GLY A 207 -24.20 -7.99 1.70
CA GLY A 207 -24.37 -7.73 0.29
C GLY A 207 -23.24 -8.16 -0.61
N LYS A 208 -22.16 -8.71 -0.05
CA LYS A 208 -21.03 -9.16 -0.85
C LYS A 208 -20.56 -10.52 -0.36
N LYS A 209 -20.22 -11.40 -1.29
CA LYS A 209 -19.76 -12.73 -0.92
C LYS A 209 -18.32 -12.66 -0.42
N LEU A 210 -17.94 -13.67 0.37
CA LEU A 210 -16.65 -13.64 1.05
C LEU A 210 -15.49 -13.50 0.08
N TRP A 211 -15.55 -14.22 -1.05
CA TRP A 211 -14.48 -14.11 -2.03
C TRP A 211 -14.43 -12.70 -2.65
N GLU A 212 -15.58 -12.04 -2.76
CA GLU A 212 -15.58 -10.67 -3.25
C GLU A 212 -14.91 -9.73 -2.26
N TRP A 213 -15.15 -9.92 -0.96
CA TRP A 213 -14.45 -9.13 0.05
C TRP A 213 -12.94 -9.35 -0.02
N LEU A 214 -12.52 -10.59 -0.26
CA LEU A 214 -11.10 -10.93 -0.23
C LEU A 214 -10.41 -10.60 -1.55
N LEU A 215 -11.14 -10.59 -2.66
CA LEU A 215 -10.53 -10.37 -3.97
C LEU A 215 -10.53 -8.91 -4.40
N GLU A 216 -11.46 -8.10 -3.86
CA GLU A 216 -11.59 -6.67 -4.13
C GLU A 216 -10.22 -5.99 -4.22
N PRO A 217 -9.93 -5.30 -5.31
CA PRO A 217 -8.60 -4.71 -5.47
C PRO A 217 -8.40 -3.52 -4.54
N THR A 218 -7.15 -3.34 -4.11
CA THR A 218 -6.81 -2.16 -3.33
C THR A 218 -6.83 -0.93 -4.22
N ARG A 219 -6.75 0.24 -3.59
CA ARG A 219 -6.97 1.51 -4.27
C ARG A 219 -5.66 2.15 -4.68
N ILE A 220 -5.65 2.75 -5.87
CA ILE A 220 -4.50 3.51 -6.36
C ILE A 220 -4.72 4.97 -6.04
N TYR A 221 -3.74 5.58 -5.36
CA TYR A 221 -3.85 6.94 -4.86
C TYR A 221 -2.95 7.93 -5.59
N VAL A 222 -2.39 7.53 -6.74
CA VAL A 222 -1.40 8.36 -7.42
C VAL A 222 -1.99 9.72 -7.78
N LYS A 223 -3.11 9.73 -8.49
CA LYS A 223 -3.66 10.99 -9.01
C LYS A 223 -3.99 12.00 -7.91
N PRO A 224 -4.75 11.66 -6.85
CA PRO A 224 -5.02 12.68 -5.82
C PRO A 224 -3.79 13.14 -5.06
N ILE A 225 -2.85 12.23 -4.78
CA ILE A 225 -1.68 12.60 -3.99
C ILE A 225 -0.75 13.51 -4.78
N LEU A 226 -0.57 13.22 -6.08
CA LEU A 226 0.23 14.12 -6.91
C LEU A 226 -0.38 15.50 -6.99
N LYS A 227 -1.70 15.58 -7.17
CA LYS A 227 -2.37 16.88 -7.20
C LYS A 227 -2.24 17.60 -5.86
N LEU A 228 -2.32 16.85 -4.76
CA LEU A 228 -2.16 17.44 -3.44
C LEU A 228 -0.78 18.06 -3.27
N ILE A 229 0.27 17.30 -3.65
CA ILE A 229 1.64 17.77 -3.46
C ILE A 229 1.86 19.05 -4.26
N ASN A 230 1.30 19.14 -5.46
CA ASN A 230 1.51 20.30 -6.31
C ASN A 230 0.75 21.53 -5.84
N GLU A 231 -0.31 21.34 -5.05
CA GLU A 231 -1.19 22.44 -4.66
C GLU A 231 -1.19 22.74 -3.17
N VAL A 232 -0.80 21.79 -2.31
CA VAL A 232 -0.85 21.99 -0.87
C VAL A 232 0.50 21.65 -0.26
N GLU A 233 0.85 22.38 0.79
CA GLU A 233 2.02 22.07 1.60
C GLU A 233 1.80 20.77 2.35
N VAL A 234 2.64 19.77 2.08
CA VAL A 234 2.49 18.42 2.61
C VAL A 234 3.72 18.08 3.45
N HIS A 235 3.49 17.56 4.65
CA HIS A 235 4.57 17.21 5.57
C HIS A 235 4.80 15.72 5.68
N GLY A 236 3.79 14.90 5.45
CA GLY A 236 3.94 13.46 5.62
C GLY A 236 2.94 12.70 4.76
N LEU A 237 3.37 11.55 4.28
CA LEU A 237 2.56 10.70 3.40
C LEU A 237 2.75 9.25 3.81
N ALA A 238 1.66 8.56 4.12
CA ALA A 238 1.71 7.19 4.62
C ALA A 238 0.77 6.30 3.82
N HIS A 239 1.33 5.24 3.22
CA HIS A 239 0.53 4.19 2.59
C HIS A 239 0.18 3.16 3.65
N ILE A 240 -1.11 3.01 3.94
CA ILE A 240 -1.57 2.13 5.01
C ILE A 240 -1.70 0.74 4.40
N THR A 241 -0.58 0.03 4.34
CA THR A 241 -0.53 -1.34 3.85
C THR A 241 -0.27 -2.29 5.00
N GLY A 242 0.56 -3.31 4.77
CA GLY A 242 0.97 -4.21 5.84
C GLY A 242 1.53 -3.48 7.04
N GLY A 243 0.89 -3.64 8.19
CA GLY A 243 1.26 -2.93 9.40
C GLY A 243 0.20 -1.98 9.91
N GLY A 244 -0.78 -1.62 9.09
CA GLY A 244 -1.86 -0.77 9.55
C GLY A 244 -1.34 0.58 10.00
N LEU A 245 -1.79 1.02 11.18
CA LEU A 245 -1.40 2.32 11.72
C LEU A 245 0.08 2.42 12.03
N LEU A 246 0.81 1.30 12.02
CA LEU A 246 2.25 1.35 12.28
C LEU A 246 2.99 2.06 11.15
N ASN A 247 2.42 2.06 9.93
CA ASN A 247 2.99 2.82 8.84
C ASN A 247 2.98 4.32 9.13
N LEU A 248 2.15 4.76 10.08
CA LEU A 248 2.13 6.16 10.49
C LEU A 248 3.21 6.47 11.52
N LYS A 249 3.51 5.53 12.40
CA LYS A 249 4.55 5.75 13.41
C LYS A 249 5.90 6.03 12.78
N ARG A 250 6.20 5.35 11.67
CA ARG A 250 7.52 5.43 11.06
C ARG A 250 7.81 6.80 10.48
N LEU A 251 6.79 7.66 10.31
CA LEU A 251 7.00 8.94 9.65
C LEU A 251 7.69 9.93 10.58
N THR A 252 7.37 9.90 11.87
CA THR A 252 7.85 10.93 12.78
C THR A 252 8.03 10.35 14.17
N LYS A 253 8.86 11.03 14.97
CA LYS A 253 9.05 10.65 16.36
C LYS A 253 7.91 11.15 17.25
N TYR A 254 7.18 12.17 16.82
CA TYR A 254 6.05 12.65 17.59
C TYR A 254 4.90 11.64 17.54
N GLY A 255 3.95 11.81 18.47
CA GLY A 255 2.82 10.92 18.56
C GLY A 255 1.61 11.44 17.80
N PHE A 256 0.58 10.60 17.75
CA PHE A 256 -0.63 10.91 17.01
C PHE A 256 -1.85 10.76 17.89
N GLU A 257 -2.88 11.53 17.55
CA GLU A 257 -4.17 11.53 18.26
C GLU A 257 -5.24 11.33 17.19
N LEU A 258 -5.69 10.09 17.03
CA LEU A 258 -6.54 9.73 15.89
C LEU A 258 -7.93 9.33 16.35
N GLU A 259 -8.91 9.62 15.50
CA GLU A 259 -10.28 9.14 15.62
C GLU A 259 -10.58 8.36 14.34
N MET A 260 -10.27 7.07 14.38
CA MET A 260 -10.46 6.22 13.22
C MET A 260 -11.94 6.06 12.88
N PRO A 261 -12.26 5.76 11.62
CA PRO A 261 -13.66 5.56 11.24
C PRO A 261 -14.22 4.32 11.92
N PRO A 262 -15.54 4.22 12.04
CA PRO A 262 -16.13 3.04 12.68
C PRO A 262 -15.82 1.77 11.90
N ILE A 263 -15.69 0.67 12.64
CA ILE A 263 -15.39 -0.61 12.02
C ILE A 263 -16.57 -1.05 11.15
N ASP A 264 -16.25 -1.59 9.97
CA ASP A 264 -17.27 -1.84 8.97
C ASP A 264 -16.74 -2.87 7.97
N GLY A 265 -17.65 -3.39 7.16
CA GLY A 265 -17.29 -4.30 6.09
C GLY A 265 -16.73 -5.61 6.62
N ILE A 266 -15.76 -6.14 5.90
CA ILE A 266 -15.18 -7.42 6.27
C ILE A 266 -14.37 -7.30 7.55
N PHE A 267 -13.86 -6.10 7.86
CA PHE A 267 -13.14 -5.91 9.11
C PHE A 267 -14.04 -6.19 10.31
N LYS A 268 -15.33 -5.84 10.21
CA LYS A 268 -16.25 -6.13 11.30
C LYS A 268 -16.41 -7.64 11.48
N LEU A 269 -16.52 -8.39 10.39
CA LEU A 269 -16.65 -9.84 10.51
C LEU A 269 -15.39 -10.46 11.10
N ILE A 270 -14.22 -9.96 10.72
CA ILE A 270 -12.96 -10.47 11.26
C ILE A 270 -12.89 -10.18 12.76
N TYR A 271 -13.25 -8.95 13.15
CA TYR A 271 -13.24 -8.57 14.56
C TYR A 271 -14.23 -9.40 15.36
N GLU A 272 -15.38 -9.71 14.78
CA GLU A 272 -16.36 -10.57 15.44
C GLU A 272 -15.86 -11.99 15.62
N ASN A 273 -14.78 -12.37 14.93
CA ASN A 273 -14.26 -13.73 14.98
C ASN A 273 -12.98 -13.85 15.80
N GLY A 274 -12.73 -12.92 16.72
CA GLY A 274 -11.73 -13.11 17.76
C GLY A 274 -10.47 -12.28 17.66
N VAL A 275 -10.23 -11.58 16.55
CA VAL A 275 -9.04 -10.75 16.44
C VAL A 275 -9.24 -9.51 17.27
N PRO A 276 -8.35 -9.19 18.23
CA PRO A 276 -8.54 -8.02 19.08
C PRO A 276 -8.35 -6.73 18.31
N LEU A 277 -9.00 -5.67 18.81
CA LEU A 277 -8.91 -4.36 18.18
C LEU A 277 -7.46 -3.91 18.03
N GLU A 278 -6.64 -4.16 19.05
CA GLU A 278 -5.25 -3.74 19.00
C GLU A 278 -4.53 -4.35 17.81
N GLU A 279 -4.78 -5.63 17.52
CA GLU A 279 -4.18 -6.27 16.35
C GLU A 279 -4.90 -5.92 15.05
N MET A 280 -6.16 -5.49 15.12
CA MET A 280 -6.86 -5.05 13.91
C MET A 280 -6.14 -3.87 13.28
N PHE A 281 -5.72 -2.89 14.11
CA PHE A 281 -5.07 -1.70 13.61
C PHE A 281 -3.59 -1.90 13.29
N ARG A 282 -3.01 -3.05 13.65
CA ARG A 282 -1.63 -3.36 13.28
C ARG A 282 -1.52 -4.22 12.04
N VAL A 283 -2.64 -4.69 11.49
CA VAL A 283 -2.64 -5.62 10.37
C VAL A 283 -3.48 -5.10 9.20
N PHE A 284 -4.66 -4.58 9.47
CA PHE A 284 -5.59 -4.14 8.43
C PHE A 284 -5.59 -2.62 8.33
N ASN A 285 -6.12 -2.13 7.20
CA ASN A 285 -6.18 -0.69 6.98
C ASN A 285 -7.35 -0.04 7.73
N MET A 286 -8.37 -0.81 8.10
CA MET A 286 -9.47 -0.35 8.93
C MET A 286 -10.23 0.82 8.29
N GLY A 287 -10.29 0.85 6.97
CA GLY A 287 -11.07 1.84 6.25
C GLY A 287 -10.28 3.02 5.72
N VAL A 288 -8.98 3.12 6.05
CA VAL A 288 -8.13 4.19 5.55
C VAL A 288 -6.97 3.55 4.81
N GLY A 289 -6.90 3.77 3.50
CA GLY A 289 -5.84 3.20 2.70
C GLY A 289 -4.62 4.09 2.58
N PHE A 290 -4.80 5.39 2.79
CA PHE A 290 -3.71 6.35 2.66
C PHE A 290 -3.94 7.49 3.63
N MET A 291 -2.83 8.01 4.18
CA MET A 291 -2.89 9.12 5.13
C MET A 291 -1.93 10.21 4.66
N VAL A 292 -2.34 11.46 4.86
CA VAL A 292 -1.51 12.62 4.56
C VAL A 292 -1.46 13.50 5.81
N ILE A 293 -0.34 14.19 5.99
CA ILE A 293 -0.15 15.11 7.11
C ILE A 293 0.14 16.49 6.53
N VAL A 294 -0.70 17.45 6.87
CA VAL A 294 -0.58 18.81 6.35
C VAL A 294 -0.60 19.77 7.53
N PRO A 295 -0.07 20.98 7.35
CA PRO A 295 -0.20 22.00 8.40
C PRO A 295 -1.66 22.24 8.74
N GLN A 296 -1.89 22.71 9.97
CA GLN A 296 -3.25 22.90 10.48
C GLN A 296 -4.09 23.75 9.54
N GLU A 297 -3.49 24.79 8.95
CA GLU A 297 -4.24 25.75 8.15
C GLU A 297 -4.71 25.14 6.84
N GLU A 298 -4.00 24.15 6.31
CA GLU A 298 -4.30 23.59 5.00
C GLU A 298 -5.36 22.49 5.02
N LYS A 299 -6.09 22.33 6.13
CA LYS A 299 -7.07 21.25 6.23
C LYS A 299 -8.13 21.36 5.14
N GLU A 300 -8.80 22.51 5.06
CA GLU A 300 -9.85 22.68 4.06
C GLU A 300 -9.29 22.63 2.65
N ASN A 301 -8.11 23.19 2.44
CA ASN A 301 -7.47 23.12 1.12
C ASN A 301 -7.22 21.68 0.71
N ALA A 302 -6.69 20.87 1.63
CA ALA A 302 -6.36 19.49 1.31
C ALA A 302 -7.61 18.65 1.12
N LEU A 303 -8.58 18.79 2.02
CA LEU A 303 -9.80 17.98 1.94
C LEU A 303 -10.58 18.28 0.67
N GLN A 304 -10.57 19.54 0.23
CA GLN A 304 -11.30 19.91 -0.98
C GLN A 304 -10.68 19.26 -2.22
N ILE A 305 -9.34 19.18 -2.26
CA ILE A 305 -8.66 18.58 -3.40
C ILE A 305 -8.87 17.08 -3.42
N LEU A 306 -8.61 16.42 -2.29
CA LEU A 306 -8.66 14.96 -2.24
C LEU A 306 -10.05 14.43 -2.52
N ASN A 307 -11.09 15.13 -2.05
CA ASN A 307 -12.46 14.67 -2.20
C ASN A 307 -12.95 14.73 -3.65
N LYS A 308 -12.22 15.41 -4.54
CA LYS A 308 -12.50 15.32 -5.97
C LYS A 308 -12.22 13.93 -6.52
N TYR A 309 -11.48 13.10 -5.78
CA TYR A 309 -11.06 11.78 -6.25
C TYR A 309 -11.68 10.66 -5.43
N TYR A 310 -11.42 10.63 -4.12
CA TYR A 310 -11.98 9.63 -3.24
C TYR A 310 -12.41 10.32 -1.94
N GLU A 311 -13.23 9.62 -1.16
CA GLU A 311 -13.70 10.20 0.09
C GLU A 311 -12.55 10.38 1.06
N SER A 312 -12.35 11.63 1.51
CA SER A 312 -11.25 11.98 2.39
C SER A 312 -11.78 12.75 3.58
N PHE A 313 -11.17 12.53 4.74
CA PHE A 313 -11.70 13.09 5.98
C PHE A 313 -10.58 13.33 6.98
N GLU A 314 -10.84 14.24 7.92
CA GLU A 314 -9.90 14.51 8.99
C GLU A 314 -9.87 13.33 9.97
N LEU A 315 -8.66 12.91 10.35
CA LEU A 315 -8.48 11.83 11.31
C LEU A 315 -8.00 12.28 12.67
N GLY A 316 -7.17 13.31 12.73
CA GLY A 316 -6.62 13.77 13.99
C GLY A 316 -5.44 14.71 13.82
N LYS A 317 -4.47 14.62 14.74
CA LYS A 317 -3.37 15.57 14.72
C LYS A 317 -2.12 14.94 15.30
N VAL A 318 -0.98 15.55 15.00
CA VAL A 318 0.30 15.19 15.59
C VAL A 318 0.41 15.89 16.94
N ILE A 319 0.80 15.15 17.96
CA ILE A 319 0.87 15.66 19.32
C ILE A 319 2.31 15.61 19.82
N LYS A 320 2.55 16.27 20.94
CA LYS A 320 3.91 16.36 21.50
C LYS A 320 4.34 15.04 22.11
N GLU A 321 3.43 14.34 22.79
CA GLU A 321 3.71 13.05 23.41
C GLU A 321 4.17 12.06 22.34
N PRO A 322 5.45 11.69 22.34
CA PRO A 322 6.03 11.04 21.16
C PRO A 322 5.57 9.60 20.99
N GLU A 323 5.85 9.08 19.79
CA GLU A 323 5.72 7.67 19.44
C GLU A 323 4.28 7.17 19.41
N LYS A 324 3.60 7.21 20.55
CA LYS A 324 2.32 6.54 20.69
C LYS A 324 1.25 7.15 19.79
N ILE A 325 0.43 6.29 19.17
CA ILE A 325 -0.80 6.71 18.50
C ILE A 325 -1.95 6.47 19.46
N LYS A 326 -2.76 7.50 19.69
CA LYS A 326 -3.93 7.40 20.55
C LYS A 326 -5.17 7.38 19.68
N VAL A 327 -5.79 6.20 19.56
CA VAL A 327 -7.07 6.06 18.88
C VAL A 327 -8.15 6.37 19.91
N LYS A 328 -8.72 7.57 19.83
CA LYS A 328 -9.56 8.07 20.91
C LYS A 328 -10.89 7.35 20.98
N ASN A 329 -11.58 7.20 19.85
CA ASN A 329 -12.89 6.56 19.85
C ASN A 329 -12.82 5.05 20.04
N TYR A 330 -11.63 4.47 20.22
CA TYR A 330 -11.47 3.05 20.51
C TYR A 330 -10.66 2.77 21.77
N GLY A 331 -9.97 3.77 22.31
CA GLY A 331 -9.16 3.55 23.50
C GLY A 331 -7.95 2.67 23.27
N ILE A 332 -7.34 2.77 22.09
CA ILE A 332 -6.22 1.92 21.69
C ILE A 332 -4.95 2.76 21.64
N THR A 333 -3.86 2.18 22.12
CA THR A 333 -2.54 2.80 22.04
C THR A 333 -1.58 1.82 21.38
N LEU A 334 -0.90 2.28 20.34
CA LEU A 334 0.01 1.41 19.58
C LEU A 334 1.46 1.85 19.77
P AMP B . 11.35 -12.79 -23.32
O1P AMP B . 11.10 -12.57 -21.86
O2P AMP B . 10.87 -14.13 -23.84
O3P AMP B . 12.74 -12.42 -23.79
O5' AMP B . 10.41 -11.73 -24.05
C5' AMP B . 10.97 -10.62 -24.74
C4' AMP B . 10.11 -9.38 -24.60
O4' AMP B . 8.88 -9.72 -23.90
C3' AMP B . 10.76 -8.24 -23.82
O3' AMP B . 10.38 -7.00 -24.41
C2' AMP B . 10.11 -8.36 -22.44
O2' AMP B . 10.08 -7.16 -21.70
C1' AMP B . 8.71 -8.84 -22.81
N9 AMP B . 8.02 -9.56 -21.74
C8 AMP B . 8.20 -10.85 -21.40
N7 AMP B . 7.40 -11.19 -20.37
C5 AMP B . 6.69 -10.10 -20.02
C6 AMP B . 5.66 -9.78 -19.02
N6 AMP B . 5.21 -10.71 -18.14
N1 AMP B . 5.17 -8.52 -19.00
C2 AMP B . 5.60 -7.58 -19.87
N3 AMP B . 6.53 -7.81 -20.81
C4 AMP B . 7.10 -9.03 -20.94
ZN ZN C . -2.81 -0.07 -0.55
ZN ZN D . 5.75 22.87 5.36
ZN ZN E . 27.91 8.03 -0.59
ZN ZN F . 4.26 -2.07 -0.51
ZN ZN G . -0.77 31.10 8.00
ZN ZN H . -6.83 -20.10 -28.05
ZN ZN I . -14.39 27.25 2.95
ZN ZN J . -3.13 27.92 3.98
ZN ZN K . 13.80 23.15 -7.01
ZN ZN L . 4.44 -7.75 -0.15
CL CL M . -2.04 -1.18 -2.44
CL CL N . -5.73 -4.29 4.68
#